data_3A5X
#
_entry.id   3A5X
#
_cell.length_a   1.000
_cell.length_b   1.000
_cell.length_c   1.000
_cell.angle_alpha   90.00
_cell.angle_beta   90.00
_cell.angle_gamma   90.00
#
_symmetry.space_group_name_H-M   'P 1'
#
_entity_poly.entity_id   1
_entity_poly.type   'polypeptide(L)'
_entity_poly.pdbx_seq_one_letter_code
;AQVINTNSLSLLTQNNLNKSQSALGTAIERLSSGLRINSAKDDAAGQAIANRFTANIKGLTQASRNANDGISIAQTTEGA
LNEINNNLQRVRELAVQSANSTNSQSDLDSIQAEITQRLNEIDRVSGQTQFNGVKVLAQDNTLTIQVGANDGETIDIDLK
QINSQTLGLDTLNVQQKYKVSDTAATVTGYADTTIALDNSTFKASATGLGGTDQKIDGDLKFDDTTGKYYAKVTVTGGTG
KDGYYEVSVDKTNGEVTLAGGATSPLTGGLPATATEDVKNVQVANADLTEAKAALTAAGVTGTASVVKMSYTDNNGKTID
GGLAVKVGDDYYSATQNKDGSISINTTKYTADDGTSKTALNKLGGADGKTEVVSIGGKTYAASKAEGHNFKAQPDLAEAA
ATTTENPLQKIDAALAQVDTLRSDLAAVQNRFNSAITNLGNTVNNLTSARSRIEDSDYATEVSNMSRAQILQQAGTSVLA
QANQVPQNVLSLLR
;
_entity_poly.pdbx_strand_id   A
#
# COMPACT_ATOMS: atom_id res chain seq x y z
N ALA A 1 -82.19 44.60 -41.71
CA ALA A 1 -81.88 45.46 -40.54
C ALA A 1 -80.70 44.83 -39.79
N GLN A 2 -79.88 45.69 -39.18
CA GLN A 2 -78.70 45.23 -38.47
C GLN A 2 -78.48 45.67 -37.02
N VAL A 3 -79.56 45.95 -36.27
CA VAL A 3 -79.45 46.37 -34.85
C VAL A 3 -78.38 45.58 -34.07
N ILE A 4 -78.20 44.33 -34.49
CA ILE A 4 -77.19 43.43 -33.93
C ILE A 4 -75.85 44.11 -33.57
N ASN A 5 -75.31 44.83 -34.54
CA ASN A 5 -74.02 45.52 -34.42
C ASN A 5 -74.12 46.70 -33.49
N THR A 6 -75.12 47.54 -33.68
CA THR A 6 -75.24 48.71 -32.80
C THR A 6 -75.19 48.26 -31.36
N ASN A 7 -76.08 47.36 -30.97
CA ASN A 7 -76.04 46.85 -29.59
C ASN A 7 -74.72 46.12 -29.33
N SER A 8 -74.35 45.18 -30.20
CA SER A 8 -73.10 44.42 -30.05
C SER A 8 -71.95 45.36 -29.77
N LEU A 9 -71.94 46.53 -30.40
CA LEU A 9 -70.88 47.53 -30.23
C LEU A 9 -70.84 47.83 -28.74
N SER A 10 -72.01 48.13 -28.20
CA SER A 10 -72.10 48.43 -26.81
C SER A 10 -71.60 47.21 -26.00
N LEU A 11 -71.92 46.02 -26.52
CA LEU A 11 -71.48 44.79 -25.88
C LEU A 11 -69.97 44.57 -26.09
N LEU A 12 -69.43 45.16 -27.15
CA LEU A 12 -68.05 45.02 -27.47
C LEU A 12 -67.21 45.70 -26.41
N THR A 13 -67.62 46.88 -25.93
CA THR A 13 -66.86 47.51 -24.84
C THR A 13 -67.01 46.53 -23.67
N GLN A 14 -68.21 45.98 -23.51
CA GLN A 14 -68.49 44.98 -22.48
C GLN A 14 -67.43 43.90 -22.60
N ASN A 15 -67.20 43.44 -23.83
CA ASN A 15 -66.17 42.44 -24.13
C ASN A 15 -64.77 42.94 -23.74
N ASN A 16 -64.51 44.22 -24.02
CA ASN A 16 -63.24 44.83 -23.64
C ASN A 16 -63.12 44.64 -22.13
N LEU A 17 -64.19 44.93 -21.41
CA LEU A 17 -64.28 44.75 -19.97
C LEU A 17 -64.06 43.26 -19.73
N ASN A 18 -64.56 42.39 -20.62
CA ASN A 18 -64.34 40.94 -20.48
C ASN A 18 -62.86 40.64 -20.62
N LYS A 19 -62.17 41.53 -21.33
CA LYS A 19 -60.73 41.44 -21.53
C LYS A 19 -60.13 41.87 -20.19
N SER A 20 -60.78 42.82 -19.55
CA SER A 20 -60.32 43.30 -18.27
C SER A 20 -60.60 42.10 -17.32
N GLN A 21 -61.71 41.39 -17.56
CA GLN A 21 -62.10 40.21 -16.79
C GLN A 21 -61.00 39.18 -17.05
N SER A 22 -60.40 39.30 -18.24
CA SER A 22 -59.35 38.40 -18.68
C SER A 22 -58.05 38.76 -17.92
N ALA A 23 -57.93 40.06 -17.61
CA ALA A 23 -56.76 40.54 -16.84
C ALA A 23 -56.80 39.73 -15.54
N LEU A 24 -57.96 39.68 -14.91
CA LEU A 24 -58.12 38.92 -13.68
C LEU A 24 -57.54 37.53 -13.90
N GLY A 25 -57.74 36.96 -15.08
CA GLY A 25 -57.25 35.64 -15.41
C GLY A 25 -55.75 35.67 -15.33
N THR A 26 -55.13 36.66 -16.02
CA THR A 26 -53.69 36.76 -16.00
C THR A 26 -53.26 36.94 -14.54
N ALA A 27 -54.05 37.69 -13.78
CA ALA A 27 -53.82 37.95 -12.37
C ALA A 27 -53.83 36.61 -11.63
N ILE A 28 -54.80 35.73 -11.94
CA ILE A 28 -54.87 34.42 -11.31
C ILE A 28 -53.58 33.66 -11.65
N GLU A 29 -53.17 33.74 -12.92
CA GLU A 29 -51.95 33.11 -13.36
C GLU A 29 -50.81 33.55 -12.48
N ARG A 30 -50.73 34.87 -12.25
CA ARG A 30 -49.67 35.42 -11.40
C ARG A 30 -49.58 34.66 -10.09
N LEU A 31 -50.73 34.60 -9.40
CA LEU A 31 -50.82 33.92 -8.12
C LEU A 31 -50.35 32.47 -8.10
N SER A 32 -50.28 31.85 -9.26
CA SER A 32 -49.81 30.50 -9.39
C SER A 32 -48.29 30.51 -9.21
N SER A 33 -47.53 30.62 -10.29
CA SER A 33 -46.08 30.67 -10.26
C SER A 33 -45.58 31.88 -9.55
N GLY A 34 -45.41 33.00 -10.25
CA GLY A 34 -44.91 34.24 -9.65
C GLY A 34 -44.50 35.26 -10.70
N LEU A 35 -43.19 35.46 -10.84
CA LEU A 35 -42.67 36.45 -11.78
C LEU A 35 -42.28 35.81 -13.12
N ARG A 36 -42.81 36.33 -14.23
CA ARG A 36 -42.52 35.84 -15.58
C ARG A 36 -42.32 36.90 -16.60
N ILE A 37 -41.81 36.46 -17.74
CA ILE A 37 -41.52 37.33 -18.86
C ILE A 37 -42.79 37.77 -19.60
N ASN A 38 -43.94 37.55 -18.96
CA ASN A 38 -45.23 37.87 -19.54
C ASN A 38 -45.52 39.40 -19.58
N SER A 39 -45.46 40.08 -18.44
CA SER A 39 -45.77 41.51 -18.40
C SER A 39 -45.01 42.11 -17.25
N ALA A 40 -44.82 41.32 -16.19
CA ALA A 40 -44.10 41.78 -14.99
C ALA A 40 -42.61 41.92 -15.19
N LYS A 41 -41.91 40.82 -15.44
CA LYS A 41 -40.46 40.86 -15.64
C LYS A 41 -39.96 40.94 -17.05
N ASP A 42 -39.79 42.14 -17.59
CA ASP A 42 -39.25 42.34 -18.94
C ASP A 42 -37.76 41.99 -18.88
N ASP A 43 -37.11 42.41 -17.78
CA ASP A 43 -35.67 42.20 -17.55
C ASP A 43 -35.40 40.75 -17.21
N ALA A 44 -36.04 39.82 -17.91
CA ALA A 44 -35.85 38.37 -17.74
C ALA A 44 -34.37 38.06 -17.47
N ALA A 45 -33.50 38.68 -18.26
CA ALA A 45 -32.06 38.53 -18.14
C ALA A 45 -31.62 38.86 -16.71
N GLY A 46 -32.03 40.01 -16.18
CA GLY A 46 -31.68 40.40 -14.84
C GLY A 46 -32.02 39.31 -13.85
N GLN A 47 -33.27 38.87 -13.89
CA GLN A 47 -33.74 37.84 -12.98
C GLN A 47 -33.15 36.53 -13.31
N ALA A 48 -32.82 36.33 -14.58
CA ALA A 48 -32.19 35.09 -15.00
C ALA A 48 -30.93 34.96 -14.16
N ILE A 49 -30.20 36.07 -14.05
CA ILE A 49 -28.98 36.18 -13.26
C ILE A 49 -29.29 35.86 -11.82
N ALA A 50 -30.40 36.40 -11.31
CA ALA A 50 -30.77 36.12 -9.93
C ALA A 50 -30.90 34.62 -9.75
N ASN A 51 -31.76 33.97 -10.56
CA ASN A 51 -31.92 32.52 -10.48
C ASN A 51 -30.52 31.93 -10.48
N ARG A 52 -29.70 32.38 -11.42
CA ARG A 52 -28.33 31.91 -11.52
C ARG A 52 -27.53 32.12 -10.25
N PHE A 53 -27.80 33.23 -9.55
CA PHE A 53 -27.11 33.51 -8.30
C PHE A 53 -27.58 32.46 -7.30
N THR A 54 -28.87 32.15 -7.33
CA THR A 54 -29.43 31.12 -6.44
C THR A 54 -28.73 29.81 -6.80
N ALA A 55 -28.60 29.60 -8.10
CA ALA A 55 -27.94 28.42 -8.65
C ALA A 55 -26.50 28.40 -8.14
N ASN A 56 -25.93 29.60 -8.08
CA ASN A 56 -24.55 29.74 -7.60
C ASN A 56 -24.55 29.23 -6.17
N ILE A 57 -25.60 29.53 -5.39
CA ILE A 57 -25.74 29.07 -3.98
C ILE A 57 -25.83 27.54 -4.02
N LYS A 58 -26.52 27.02 -5.04
CA LYS A 58 -26.68 25.58 -5.23
C LYS A 58 -25.28 25.02 -5.40
N GLY A 59 -24.49 25.64 -6.28
CA GLY A 59 -23.11 25.21 -6.49
C GLY A 59 -22.29 25.46 -5.24
N LEU A 60 -22.69 26.45 -4.45
CA LEU A 60 -22.06 26.83 -3.17
C LEU A 60 -22.44 25.93 -2.02
N THR A 61 -23.58 25.24 -2.12
CA THR A 61 -24.00 24.30 -1.08
C THR A 61 -23.02 23.16 -1.31
N GLN A 62 -22.89 22.79 -2.57
CA GLN A 62 -21.97 21.76 -2.99
C GLN A 62 -20.57 22.29 -2.69
N ALA A 63 -20.35 23.59 -2.88
CA ALA A 63 -19.02 24.15 -2.56
C ALA A 63 -18.80 24.07 -1.04
N SER A 64 -19.87 24.30 -0.28
CA SER A 64 -19.80 24.24 1.18
C SER A 64 -19.33 22.82 1.54
N ARG A 65 -19.89 21.84 0.83
CA ARG A 65 -19.52 20.43 1.01
C ARG A 65 -18.05 20.24 0.68
N ASN A 66 -17.64 20.75 -0.48
CA ASN A 66 -16.26 20.66 -0.96
C ASN A 66 -15.31 21.22 0.06
N ALA A 67 -15.46 22.52 0.36
CA ALA A 67 -14.64 23.23 1.34
C ALA A 67 -14.64 22.43 2.66
N ASN A 68 -15.80 21.93 3.05
CA ASN A 68 -15.98 21.10 4.21
C ASN A 68 -15.04 19.90 4.09
N ASP A 69 -15.11 19.24 2.93
CA ASP A 69 -14.27 18.09 2.64
C ASP A 69 -12.84 18.53 2.87
N GLY A 70 -12.52 19.74 2.38
CA GLY A 70 -11.17 20.30 2.55
C GLY A 70 -10.83 20.32 3.99
N ILE A 71 -11.73 20.93 4.78
CA ILE A 71 -11.56 21.01 6.23
C ILE A 71 -11.38 19.60 6.81
N SER A 72 -12.23 18.66 6.41
CA SER A 72 -12.11 17.27 6.87
C SER A 72 -10.68 16.78 6.58
N ILE A 73 -10.20 17.06 5.36
CA ILE A 73 -8.86 16.68 4.94
C ILE A 73 -7.82 17.28 5.88
N ALA A 74 -8.04 18.54 6.26
CA ALA A 74 -7.11 19.26 7.14
C ALA A 74 -7.05 18.56 8.49
N GLN A 75 -8.21 18.22 9.03
CA GLN A 75 -8.30 17.56 10.32
C GLN A 75 -7.78 16.13 10.27
N THR A 76 -8.03 15.44 9.15
CA THR A 76 -7.56 14.07 8.96
C THR A 76 -6.05 14.06 8.87
N THR A 77 -5.50 14.91 7.99
CA THR A 77 -4.05 15.01 7.82
C THR A 77 -3.38 15.48 9.13
N GLU A 78 -3.90 16.55 9.73
CA GLU A 78 -3.38 17.08 11.01
C GLU A 78 -3.52 16.01 12.08
N GLY A 79 -4.54 15.18 11.93
CA GLY A 79 -4.81 14.10 12.85
C GLY A 79 -3.75 13.04 12.73
N ALA A 80 -3.50 12.62 11.48
CA ALA A 80 -2.49 11.62 11.16
C ALA A 80 -1.15 12.09 11.74
N LEU A 81 -0.82 13.36 11.53
CA LEU A 81 0.41 13.95 12.02
C LEU A 81 0.53 13.94 13.53
N ASN A 82 -0.59 14.17 14.22
CA ASN A 82 -0.58 14.14 15.69
C ASN A 82 0.05 12.83 16.12
N GLU A 83 -0.38 11.75 15.49
CA GLU A 83 0.15 10.42 15.76
C GLU A 83 1.67 10.41 15.50
N ILE A 84 2.08 10.85 14.32
CA ILE A 84 3.51 10.88 13.94
C ILE A 84 4.30 11.70 15.00
N ASN A 85 3.78 12.87 15.36
CA ASN A 85 4.44 13.76 16.32
C ASN A 85 4.66 12.99 17.61
N ASN A 86 3.59 12.36 18.13
CA ASN A 86 3.68 11.57 19.39
C ASN A 86 4.83 10.58 19.24
N ASN A 87 4.85 9.81 18.15
CA ASN A 87 5.86 8.82 17.86
C ASN A 87 7.25 9.44 17.97
N LEU A 88 7.48 10.52 17.21
CA LEU A 88 8.76 11.22 17.22
C LEU A 88 9.15 11.66 18.61
N GLN A 89 8.20 12.22 19.33
CA GLN A 89 8.42 12.68 20.68
C GLN A 89 8.96 11.51 21.53
N ARG A 90 8.41 10.33 21.27
CA ARG A 90 8.83 9.10 21.96
C ARG A 90 10.33 8.88 21.65
N VAL A 91 10.71 9.04 20.38
CA VAL A 91 12.08 8.88 19.93
C VAL A 91 13.00 9.73 20.77
N ARG A 92 12.72 11.03 20.86
CA ARG A 92 13.52 11.99 21.64
C ARG A 92 14.00 11.42 22.96
N GLU A 93 13.08 10.82 23.71
CA GLU A 93 13.39 10.21 25.01
C GLU A 93 14.47 9.15 24.90
N LEU A 94 14.33 8.31 23.89
CA LEU A 94 15.28 7.22 23.60
C LEU A 94 16.64 7.80 23.31
N ALA A 95 16.65 8.85 22.49
CA ALA A 95 17.88 9.54 22.17
C ALA A 95 18.60 10.05 23.42
N VAL A 96 17.81 10.50 24.40
CA VAL A 96 18.37 11.00 25.64
C VAL A 96 18.98 9.84 26.45
N GLN A 97 18.28 8.71 26.50
CA GLN A 97 18.79 7.56 27.24
C GLN A 97 20.05 6.93 26.63
N SER A 98 20.14 6.98 25.30
CA SER A 98 21.26 6.41 24.61
C SER A 98 22.57 7.03 25.06
N ALA A 99 22.57 8.32 25.34
CA ALA A 99 23.76 9.07 25.75
C ALA A 99 24.24 8.73 27.19
N ASN A 100 23.87 7.57 27.70
CA ASN A 100 24.28 7.15 29.06
C ASN A 100 25.19 5.97 28.99
N SER A 101 26.50 6.22 29.09
CA SER A 101 27.51 5.17 29.03
C SER A 101 27.25 3.93 29.89
N THR A 102 26.28 4.04 30.81
CA THR A 102 25.91 2.92 31.67
C THR A 102 25.21 1.82 30.90
N ASN A 103 24.52 2.20 29.84
CA ASN A 103 23.79 1.27 29.00
C ASN A 103 24.74 0.45 28.15
N SER A 104 24.64 -0.87 28.27
CA SER A 104 25.47 -1.77 27.50
C SER A 104 24.95 -1.78 26.07
N GLN A 105 25.78 -2.29 25.16
CA GLN A 105 25.37 -2.41 23.74
C GLN A 105 23.95 -3.01 23.64
N SER A 106 23.73 -4.11 24.37
CA SER A 106 22.45 -4.79 24.42
C SER A 106 21.32 -3.81 24.67
N ASP A 107 21.45 -3.07 25.78
CA ASP A 107 20.49 -2.03 26.19
C ASP A 107 20.26 -1.12 25.01
N LEU A 108 21.36 -0.66 24.41
CA LEU A 108 21.30 0.20 23.22
C LEU A 108 20.53 -0.45 22.08
N ASP A 109 20.67 -1.76 21.92
CA ASP A 109 19.95 -2.50 20.91
C ASP A 109 18.46 -2.51 21.20
N SER A 110 18.13 -2.56 22.49
CA SER A 110 16.73 -2.55 22.92
C SER A 110 16.15 -1.17 22.56
N ILE A 111 16.87 -0.12 22.95
CA ILE A 111 16.46 1.24 22.67
C ILE A 111 16.20 1.37 21.16
N GLN A 112 17.17 0.92 20.35
CA GLN A 112 17.11 0.94 18.90
C GLN A 112 15.91 0.16 18.40
N ALA A 113 15.67 -1.02 18.98
CA ALA A 113 14.54 -1.84 18.60
C ALA A 113 13.26 -1.00 18.66
N GLU A 114 13.11 -0.22 19.74
CA GLU A 114 11.92 0.62 19.88
C GLU A 114 11.94 1.66 18.76
N ILE A 115 13.05 2.40 18.68
CA ILE A 115 13.21 3.42 17.64
C ILE A 115 12.83 2.92 16.24
N THR A 116 13.16 1.66 15.94
CA THR A 116 12.83 1.10 14.64
C THR A 116 11.30 1.02 14.44
N GLN A 117 10.60 0.47 15.42
CA GLN A 117 9.14 0.39 15.38
C GLN A 117 8.61 1.77 15.16
N ARG A 118 9.19 2.73 15.88
CA ARG A 118 8.78 4.14 15.76
C ARG A 118 8.80 4.58 14.31
N LEU A 119 10.01 4.61 13.73
CA LEU A 119 10.18 4.99 12.31
C LEU A 119 9.28 4.19 11.39
N ASN A 120 9.13 2.90 11.67
CA ASN A 120 8.28 2.00 10.85
C ASN A 120 6.81 2.35 10.88
N GLU A 121 6.26 2.60 12.07
CA GLU A 121 4.86 2.95 12.26
C GLU A 121 4.64 4.25 11.44
N ILE A 122 5.60 5.18 11.57
CA ILE A 122 5.56 6.45 10.89
C ILE A 122 5.34 6.25 9.42
N ASP A 123 6.18 5.42 8.82
CA ASP A 123 6.10 5.12 7.38
C ASP A 123 4.73 4.48 7.07
N ARG A 124 4.24 3.63 7.98
CA ARG A 124 2.99 3.00 7.79
C ARG A 124 1.92 4.09 7.65
N VAL A 125 1.91 5.04 8.59
CA VAL A 125 0.97 6.17 8.59
C VAL A 125 1.08 6.95 7.26
N SER A 126 2.31 7.30 6.89
CA SER A 126 2.64 8.06 5.69
C SER A 126 1.90 7.65 4.46
N GLY A 127 2.20 6.44 3.97
CA GLY A 127 1.54 5.98 2.76
C GLY A 127 0.27 5.13 2.95
N GLN A 128 -0.34 5.11 4.14
CA GLN A 128 -1.55 4.33 4.40
C GLN A 128 -2.71 5.23 4.81
N THR A 129 -2.48 6.32 5.52
CA THR A 129 -3.55 7.24 5.87
C THR A 129 -4.06 7.91 4.57
N GLN A 130 -5.38 8.02 4.42
CA GLN A 130 -5.92 8.65 3.24
C GLN A 130 -7.29 9.21 3.49
N PHE A 131 -7.82 9.87 2.46
CA PHE A 131 -9.16 10.44 2.50
C PHE A 131 -9.77 10.20 1.13
N ASN A 132 -10.70 9.25 1.04
CA ASN A 132 -11.36 8.97 -0.25
C ASN A 132 -10.31 8.60 -1.29
N GLY A 133 -9.52 7.57 -1.01
CA GLY A 133 -8.48 7.15 -1.97
C GLY A 133 -7.17 7.91 -1.84
N VAL A 134 -7.25 9.23 -1.88
CA VAL A 134 -6.08 10.11 -1.76
C VAL A 134 -5.25 9.91 -0.49
N LYS A 135 -4.03 9.41 -0.66
CA LYS A 135 -3.12 9.21 0.47
C LYS A 135 -2.53 10.56 0.86
N VAL A 136 -3.14 11.23 1.85
CA VAL A 136 -2.71 12.55 2.29
C VAL A 136 -1.22 12.80 2.54
N LEU A 137 -0.58 11.83 3.17
CA LEU A 137 0.83 11.93 3.48
C LEU A 137 1.73 11.33 2.43
N ALA A 138 1.17 10.81 1.33
CA ALA A 138 1.95 10.18 0.27
C ALA A 138 2.75 11.08 -0.65
N GLN A 139 2.32 12.32 -0.87
CA GLN A 139 3.05 13.24 -1.76
C GLN A 139 2.67 14.69 -1.59
N ASP A 140 3.53 15.59 -2.05
CA ASP A 140 3.26 17.02 -1.94
C ASP A 140 2.19 17.30 -3.00
N ASN A 141 1.20 18.14 -2.65
CA ASN A 141 0.13 18.47 -3.59
C ASN A 141 -0.75 19.61 -3.12
N THR A 142 -0.77 20.67 -3.92
CA THR A 142 -1.59 21.82 -3.63
C THR A 142 -3.05 21.70 -4.07
N LEU A 143 -3.90 21.21 -3.17
CA LEU A 143 -5.32 21.03 -3.47
C LEU A 143 -6.10 22.33 -3.58
N THR A 144 -6.39 22.76 -4.80
CA THR A 144 -7.19 23.97 -5.05
C THR A 144 -8.64 23.69 -4.69
N ILE A 145 -9.14 24.34 -3.65
CA ILE A 145 -10.54 24.14 -3.24
C ILE A 145 -11.33 25.29 -3.81
N GLN A 146 -12.31 24.96 -4.65
CA GLN A 146 -13.19 25.92 -5.30
C GLN A 146 -14.24 26.40 -4.32
N VAL A 147 -14.15 27.68 -3.97
CA VAL A 147 -15.08 28.28 -3.02
C VAL A 147 -15.84 29.45 -3.60
N GLY A 148 -15.27 30.10 -4.62
CA GLY A 148 -15.95 31.20 -5.28
C GLY A 148 -16.83 30.69 -6.41
N ALA A 149 -17.49 31.62 -7.11
CA ALA A 149 -18.35 31.28 -8.22
C ALA A 149 -17.65 31.60 -9.56
N ASN A 150 -16.46 32.20 -9.47
CA ASN A 150 -15.71 32.58 -10.64
C ASN A 150 -14.29 31.98 -10.61
N ASP A 151 -13.61 32.01 -11.76
CA ASP A 151 -12.24 31.50 -11.87
C ASP A 151 -11.35 32.37 -10.99
N GLY A 152 -10.32 31.80 -10.37
CA GLY A 152 -9.47 32.60 -9.54
C GLY A 152 -9.85 32.78 -8.08
N GLU A 153 -11.14 32.64 -7.75
CA GLU A 153 -11.62 32.78 -6.37
C GLU A 153 -11.58 31.46 -5.61
N THR A 154 -10.39 30.89 -5.38
CA THR A 154 -10.30 29.61 -4.67
C THR A 154 -9.40 29.64 -3.44
N ILE A 155 -9.46 28.61 -2.62
CA ILE A 155 -8.68 28.46 -1.41
C ILE A 155 -7.93 27.16 -1.47
N ASP A 156 -6.62 27.25 -1.61
CA ASP A 156 -5.74 26.08 -1.76
C ASP A 156 -5.11 25.58 -0.45
N ILE A 157 -5.08 24.24 -0.34
CA ILE A 157 -4.49 23.55 0.80
C ILE A 157 -3.16 22.95 0.37
N ASP A 158 -2.22 22.76 1.30
CA ASP A 158 -0.90 22.20 0.98
C ASP A 158 -0.62 20.84 1.61
N LEU A 159 -0.37 19.83 0.79
CA LEU A 159 -0.10 18.52 1.28
C LEU A 159 1.38 18.20 1.09
N LYS A 160 1.98 17.49 2.03
CA LYS A 160 3.40 17.19 1.99
C LYS A 160 3.67 15.75 2.41
N GLN A 161 4.49 15.07 1.62
CA GLN A 161 4.86 13.68 1.88
C GLN A 161 5.80 13.64 3.07
N ILE A 162 5.30 13.15 4.20
CA ILE A 162 6.11 13.03 5.39
C ILE A 162 6.37 11.54 5.60
N ASN A 163 7.62 11.23 5.92
CA ASN A 163 8.11 9.87 6.16
C ASN A 163 9.53 9.92 6.66
N SER A 164 9.99 8.78 7.24
CA SER A 164 11.34 8.68 7.80
C SER A 164 12.46 9.09 6.85
N GLN A 165 12.20 9.01 5.55
CA GLN A 165 13.19 9.41 4.54
C GLN A 165 13.23 10.92 4.47
N THR A 166 12.11 11.55 4.10
CA THR A 166 12.04 13.01 3.98
C THR A 166 12.47 13.67 5.30
N LEU A 167 11.97 13.15 6.42
CA LEU A 167 12.30 13.63 7.76
C LEU A 167 13.77 13.42 8.10
N GLY A 168 14.46 12.66 7.26
CA GLY A 168 15.90 12.43 7.45
C GLY A 168 16.22 11.74 8.77
N LEU A 169 15.33 10.85 9.19
CA LEU A 169 15.51 10.10 10.43
C LEU A 169 15.49 8.61 10.10
N ASP A 170 15.49 8.27 8.82
CA ASP A 170 15.47 6.89 8.35
C ASP A 170 16.65 6.10 8.91
N THR A 171 17.79 6.78 8.99
CA THR A 171 19.02 6.15 9.48
C THR A 171 19.46 6.66 10.84
N LEU A 172 18.50 6.77 11.75
CA LEU A 172 18.79 7.18 13.12
C LEU A 172 19.13 5.90 13.87
N ASN A 173 20.41 5.73 14.18
CA ASN A 173 20.93 4.53 14.84
C ASN A 173 21.88 4.95 15.93
N VAL A 174 21.81 4.29 17.07
CA VAL A 174 22.66 4.63 18.19
C VAL A 174 23.34 3.40 18.79
N GLN A 175 23.48 2.33 17.98
CA GLN A 175 24.09 1.09 18.40
C GLN A 175 25.60 1.23 18.30
N GLN A 176 26.29 0.12 18.57
CA GLN A 176 27.75 0.02 18.51
C GLN A 176 28.01 -1.41 18.04
N LYS A 177 28.92 -1.60 17.09
CA LYS A 177 29.21 -2.94 16.55
C LYS A 177 29.77 -3.90 17.60
N TYR A 178 29.60 -5.22 17.37
CA TYR A 178 30.12 -6.25 18.26
C TYR A 178 31.47 -6.65 17.66
N LYS A 179 32.13 -7.63 18.28
CA LYS A 179 33.39 -8.17 17.79
C LYS A 179 33.04 -9.61 17.34
N VAL A 180 33.09 -9.86 16.04
CA VAL A 180 32.77 -11.17 15.49
C VAL A 180 33.95 -12.15 15.52
N SER A 181 33.68 -13.41 15.84
CA SER A 181 34.66 -14.46 15.83
C SER A 181 34.02 -15.69 15.22
N ASP A 182 34.83 -16.68 14.89
CA ASP A 182 34.27 -17.91 14.31
C ASP A 182 35.06 -19.17 14.72
N THR A 183 34.36 -20.31 14.71
CA THR A 183 34.93 -21.60 15.02
C THR A 183 34.49 -22.55 13.92
N ALA A 184 35.40 -23.35 13.37
CA ALA A 184 35.10 -24.31 12.28
C ALA A 184 34.12 -25.35 12.72
N ALA A 185 32.93 -25.34 12.16
CA ALA A 185 31.88 -26.26 12.57
C ALA A 185 31.78 -27.47 11.61
N THR A 186 32.45 -28.56 11.95
CA THR A 186 32.44 -29.75 11.10
C THR A 186 31.14 -30.57 11.24
N VAL A 187 30.12 -30.09 10.55
CA VAL A 187 28.81 -30.71 10.53
C VAL A 187 28.91 -32.13 10.00
N THR A 188 28.27 -33.07 10.68
CA THR A 188 28.31 -34.49 10.31
C THR A 188 26.98 -34.99 9.76
N GLY A 189 26.91 -35.24 8.45
CA GLY A 189 25.69 -35.72 7.82
C GLY A 189 25.83 -35.89 6.33
N TYR A 190 24.89 -36.65 5.74
CA TYR A 190 24.83 -36.89 4.31
C TYR A 190 23.44 -36.48 3.80
N ALA A 191 23.34 -36.09 2.52
CA ALA A 191 22.06 -35.69 1.94
C ALA A 191 21.97 -36.29 0.54
N ASP A 192 20.76 -36.67 0.15
CA ASP A 192 20.56 -37.25 -1.18
C ASP A 192 20.40 -36.14 -2.18
N THR A 193 20.93 -36.35 -3.37
CA THR A 193 20.84 -35.40 -4.47
C THR A 193 19.98 -36.03 -5.53
N THR A 194 19.81 -35.30 -6.65
CA THR A 194 19.01 -35.77 -7.76
C THR A 194 19.74 -36.75 -8.70
N ILE A 195 21.05 -36.94 -8.46
CA ILE A 195 21.83 -37.82 -9.30
C ILE A 195 21.22 -39.25 -9.34
N ALA A 196 20.83 -39.64 -10.54
CA ALA A 196 20.23 -40.99 -10.74
C ALA A 196 21.30 -42.09 -10.77
N LEU A 197 20.90 -43.31 -10.43
CA LEU A 197 21.83 -44.43 -10.41
C LEU A 197 21.66 -45.30 -11.64
N ASP A 198 22.75 -45.52 -12.37
CA ASP A 198 22.72 -46.32 -13.56
C ASP A 198 23.32 -47.70 -13.25
N ASN A 199 22.48 -48.66 -12.94
CA ASN A 199 22.89 -50.02 -12.58
C ASN A 199 23.13 -50.97 -13.73
N SER A 200 22.79 -50.57 -14.96
CA SER A 200 22.96 -51.39 -16.14
C SER A 200 24.40 -51.85 -16.40
N THR A 201 25.37 -50.95 -16.21
CA THR A 201 26.79 -51.25 -16.42
C THR A 201 27.41 -52.34 -15.52
N PHE A 202 26.71 -52.73 -14.46
CA PHE A 202 27.20 -53.76 -13.56
C PHE A 202 27.70 -55.02 -14.30
N LYS A 203 26.80 -55.72 -15.00
CA LYS A 203 27.19 -56.96 -15.68
C LYS A 203 28.41 -56.83 -16.57
N ALA A 204 28.67 -55.60 -17.05
CA ALA A 204 29.83 -55.29 -17.92
C ALA A 204 31.17 -55.52 -17.26
N SER A 205 31.26 -55.28 -15.97
CA SER A 205 32.52 -55.50 -15.25
C SER A 205 32.51 -56.75 -14.38
N ALA A 206 31.32 -57.24 -14.05
CA ALA A 206 31.13 -58.42 -13.23
C ALA A 206 31.37 -59.74 -13.95
N THR A 207 31.83 -59.66 -15.19
CA THR A 207 32.13 -60.84 -15.94
C THR A 207 33.24 -61.64 -15.22
N GLY A 208 33.99 -60.91 -14.37
CA GLY A 208 35.09 -61.51 -13.62
C GLY A 208 34.61 -62.52 -12.59
N LEU A 209 33.29 -62.71 -12.56
CA LEU A 209 32.63 -63.62 -11.65
C LEU A 209 32.17 -64.88 -12.41
N GLY A 210 31.94 -64.79 -13.72
CA GLY A 210 31.51 -65.95 -14.47
C GLY A 210 30.17 -66.48 -14.09
N GLY A 211 29.60 -67.23 -15.02
CA GLY A 211 28.32 -67.85 -14.79
C GLY A 211 27.44 -67.53 -15.98
N THR A 212 26.24 -67.05 -15.76
CA THR A 212 25.37 -66.66 -16.90
C THR A 212 25.02 -65.17 -16.77
N ASP A 213 24.45 -64.74 -15.66
CA ASP A 213 24.12 -63.33 -15.45
C ASP A 213 24.40 -62.83 -14.02
N GLN A 214 25.10 -61.71 -13.93
CA GLN A 214 25.44 -61.04 -12.69
C GLN A 214 24.61 -59.75 -12.53
N LYS A 215 23.63 -59.79 -11.64
CA LYS A 215 22.76 -58.64 -11.38
C LYS A 215 22.48 -58.34 -9.92
N ILE A 216 22.41 -57.04 -9.61
CA ILE A 216 22.16 -56.60 -8.22
C ILE A 216 20.66 -56.75 -7.97
N ASP A 217 20.29 -57.20 -6.79
CA ASP A 217 18.89 -57.40 -6.47
C ASP A 217 18.34 -56.17 -5.73
N GLY A 218 17.38 -55.51 -6.33
CA GLY A 218 16.77 -54.34 -5.74
C GLY A 218 17.56 -53.06 -5.67
N ASP A 219 18.01 -52.66 -4.49
CA ASP A 219 18.77 -51.42 -4.31
C ASP A 219 20.09 -51.55 -3.60
N LEU A 220 20.95 -50.58 -3.88
CA LEU A 220 22.31 -50.50 -3.31
C LEU A 220 22.30 -49.85 -1.95
N LYS A 221 23.06 -50.41 -1.03
CA LYS A 221 23.16 -49.93 0.32
C LYS A 221 24.33 -48.97 0.47
N PHE A 222 24.02 -47.69 0.60
CA PHE A 222 25.03 -46.66 0.76
C PHE A 222 25.52 -46.78 2.20
N ASP A 223 26.80 -46.56 2.42
CA ASP A 223 27.37 -46.63 3.73
C ASP A 223 27.66 -45.20 4.21
N ASP A 224 26.85 -44.69 5.13
CA ASP A 224 26.99 -43.32 5.63
C ASP A 224 28.22 -43.04 6.49
N THR A 225 29.27 -43.82 6.31
CA THR A 225 30.49 -43.66 7.12
C THR A 225 31.72 -43.67 6.22
N THR A 226 31.59 -44.23 5.03
CA THR A 226 32.69 -44.29 4.08
C THR A 226 32.26 -43.89 2.65
N GLY A 227 30.95 -43.61 2.46
CA GLY A 227 30.44 -43.23 1.14
C GLY A 227 30.52 -44.33 0.11
N LYS A 228 30.87 -45.52 0.58
CA LYS A 228 30.96 -46.67 -0.29
C LYS A 228 29.55 -47.18 -0.59
N TYR A 229 29.42 -47.84 -1.74
CA TYR A 229 28.16 -48.42 -2.14
C TYR A 229 28.29 -49.95 -2.06
N TYR A 230 27.23 -50.62 -1.63
CA TYR A 230 27.24 -52.08 -1.55
C TYR A 230 25.98 -52.63 -2.21
N ALA A 231 25.94 -53.92 -2.53
CA ALA A 231 24.77 -54.52 -3.16
C ALA A 231 24.78 -56.04 -3.10
N LYS A 232 23.60 -56.64 -3.21
CA LYS A 232 23.46 -58.08 -3.21
C LYS A 232 23.56 -58.54 -4.62
N VAL A 233 24.49 -59.44 -4.92
CA VAL A 233 24.64 -59.98 -6.27
C VAL A 233 24.29 -61.49 -6.38
N THR A 234 23.29 -61.80 -7.21
CA THR A 234 22.85 -63.19 -7.42
C THR A 234 23.41 -63.68 -8.74
N VAL A 235 24.64 -64.21 -8.70
CA VAL A 235 25.32 -64.70 -9.88
C VAL A 235 24.91 -66.13 -10.24
N THR A 236 24.02 -66.26 -11.22
CA THR A 236 23.52 -67.56 -11.68
C THR A 236 24.58 -68.45 -12.31
N GLY A 237 24.97 -69.52 -11.60
CA GLY A 237 25.96 -70.43 -12.09
C GLY A 237 27.32 -70.14 -11.49
N GLY A 238 27.44 -69.06 -10.72
CA GLY A 238 28.72 -68.71 -10.12
C GLY A 238 28.96 -69.45 -8.82
N THR A 239 29.58 -70.61 -8.88
CA THR A 239 29.86 -71.38 -7.68
C THR A 239 30.46 -70.45 -6.64
N GLY A 240 29.68 -70.22 -5.57
CA GLY A 240 30.15 -69.39 -4.46
C GLY A 240 30.39 -67.93 -4.79
N LYS A 241 29.62 -67.38 -5.70
CA LYS A 241 29.72 -65.96 -6.05
C LYS A 241 28.48 -65.21 -5.58
N ASP A 242 27.79 -65.81 -4.58
CA ASP A 242 26.55 -65.27 -4.01
C ASP A 242 26.73 -64.53 -2.69
N GLY A 243 26.22 -63.32 -2.59
CA GLY A 243 26.34 -62.59 -1.35
C GLY A 243 26.44 -61.12 -1.68
N TYR A 244 27.18 -60.39 -0.86
CA TYR A 244 27.36 -58.99 -1.12
C TYR A 244 28.72 -58.66 -1.65
N TYR A 245 28.72 -57.74 -2.59
CA TYR A 245 29.96 -57.26 -3.20
C TYR A 245 29.95 -55.73 -3.19
N GLU A 246 31.11 -55.07 -3.26
CA GLU A 246 31.09 -53.61 -3.24
C GLU A 246 30.98 -53.09 -4.64
N VAL A 247 30.27 -51.99 -4.83
CA VAL A 247 30.11 -51.39 -6.16
C VAL A 247 30.51 -49.93 -6.28
N SER A 248 31.28 -49.62 -7.30
CA SER A 248 31.73 -48.24 -7.54
C SER A 248 30.64 -47.46 -8.25
N VAL A 249 30.53 -46.18 -7.93
CA VAL A 249 29.50 -45.36 -8.55
C VAL A 249 30.23 -44.26 -9.32
N ASP A 250 29.90 -44.09 -10.60
CA ASP A 250 30.50 -43.06 -11.42
C ASP A 250 29.75 -41.79 -11.07
N LYS A 251 30.21 -41.14 -9.99
CA LYS A 251 29.60 -39.91 -9.45
C LYS A 251 29.10 -38.91 -10.49
N THR A 252 29.72 -38.91 -11.66
CA THR A 252 29.37 -37.98 -12.69
C THR A 252 27.99 -38.23 -13.38
N ASN A 253 27.55 -39.49 -13.39
CA ASN A 253 26.30 -39.89 -14.00
C ASN A 253 25.47 -41.01 -13.35
N GLY A 254 26.08 -41.75 -12.44
CA GLY A 254 25.41 -42.85 -11.75
C GLY A 254 25.85 -44.24 -12.11
N GLU A 255 26.56 -44.41 -13.21
CA GLU A 255 27.02 -45.76 -13.57
C GLU A 255 27.54 -46.54 -12.35
N VAL A 256 27.04 -47.75 -12.17
CA VAL A 256 27.53 -48.58 -11.09
C VAL A 256 28.47 -49.62 -11.67
N THR A 257 29.59 -49.85 -11.00
CA THR A 257 30.60 -50.79 -11.49
C THR A 257 31.22 -51.68 -10.39
N LEU A 258 31.66 -52.85 -10.77
CA LEU A 258 32.28 -53.79 -9.84
C LEU A 258 33.49 -53.14 -9.15
N ALA A 259 33.34 -52.82 -7.87
CA ALA A 259 34.40 -52.20 -7.08
C ALA A 259 35.47 -53.21 -6.75
N GLY A 260 36.73 -52.76 -6.91
CA GLY A 260 37.89 -53.59 -6.62
C GLY A 260 37.98 -54.95 -7.32
N GLY A 261 36.95 -55.33 -8.08
CA GLY A 261 36.96 -56.61 -8.76
C GLY A 261 37.06 -57.82 -7.81
N ALA A 262 36.33 -57.78 -6.71
CA ALA A 262 36.33 -58.87 -5.73
C ALA A 262 35.78 -60.14 -6.38
N THR A 263 36.58 -61.20 -6.36
CA THR A 263 36.12 -62.45 -6.95
C THR A 263 35.23 -63.17 -5.94
N SER A 264 35.66 -63.22 -4.69
CA SER A 264 34.89 -63.88 -3.62
C SER A 264 34.09 -62.90 -2.75
N PRO A 265 32.92 -63.31 -2.31
CA PRO A 265 32.01 -62.52 -1.47
C PRO A 265 32.71 -62.08 -0.19
N LEU A 266 32.32 -60.94 0.33
CA LEU A 266 32.88 -60.42 1.55
C LEU A 266 32.61 -61.25 2.79
N THR A 267 33.65 -61.38 3.64
CA THR A 267 33.52 -62.11 4.91
C THR A 267 32.60 -61.23 5.70
N GLY A 268 31.36 -61.70 5.92
CA GLY A 268 30.37 -60.97 6.69
C GLY A 268 29.22 -60.57 5.80
N GLY A 269 29.50 -60.46 4.51
CA GLY A 269 28.51 -60.06 3.55
C GLY A 269 28.28 -58.58 3.44
N LEU A 270 27.32 -58.07 4.18
CA LEU A 270 27.01 -56.64 4.12
C LEU A 270 27.29 -55.93 5.43
N PRO A 271 28.15 -54.90 5.39
CA PRO A 271 28.48 -54.17 6.63
C PRO A 271 27.22 -53.43 7.12
N ALA A 272 26.93 -53.63 8.41
CA ALA A 272 25.77 -53.06 9.08
C ALA A 272 25.51 -51.59 8.77
N THR A 273 26.57 -50.79 8.87
CA THR A 273 26.57 -49.35 8.61
C THR A 273 25.93 -48.94 7.27
N ALA A 274 26.07 -49.79 6.26
CA ALA A 274 25.49 -49.53 4.96
C ALA A 274 23.96 -49.74 4.97
N THR A 275 23.25 -48.83 5.62
CA THR A 275 21.79 -48.91 5.75
C THR A 275 21.01 -48.15 4.67
N GLU A 276 21.56 -47.07 4.16
CA GLU A 276 20.86 -46.25 3.20
C GLU A 276 20.54 -46.91 1.86
N ASP A 277 19.39 -47.55 1.78
CA ASP A 277 18.98 -48.12 0.48
C ASP A 277 18.65 -46.90 -0.37
N VAL A 278 19.61 -46.48 -1.18
CA VAL A 278 19.45 -45.31 -2.03
C VAL A 278 18.89 -45.60 -3.41
N LYS A 279 18.28 -44.58 -4.02
CA LYS A 279 17.71 -44.66 -5.35
C LYS A 279 18.48 -43.60 -6.10
N ASN A 280 18.90 -42.56 -5.41
CA ASN A 280 19.70 -41.48 -5.99
C ASN A 280 20.95 -41.31 -5.10
N VAL A 281 22.05 -40.78 -5.68
CA VAL A 281 23.33 -40.61 -5.01
C VAL A 281 23.38 -39.70 -3.76
N GLN A 282 24.03 -40.21 -2.70
CA GLN A 282 24.23 -39.47 -1.46
C GLN A 282 25.45 -38.62 -1.59
N VAL A 283 25.47 -37.42 -0.99
CA VAL A 283 26.59 -36.48 -1.09
C VAL A 283 27.12 -36.13 0.30
N ALA A 284 28.42 -35.87 0.40
CA ALA A 284 29.07 -35.52 1.66
C ALA A 284 28.76 -34.01 1.83
N ASN A 285 27.71 -33.67 2.58
CA ASN A 285 27.30 -32.28 2.87
C ASN A 285 28.47 -31.35 3.12
N ALA A 286 29.58 -31.91 3.59
CA ALA A 286 30.81 -31.18 3.84
C ALA A 286 31.32 -30.44 2.57
N ASP A 287 31.00 -31.00 1.39
CA ASP A 287 31.40 -30.39 0.11
C ASP A 287 30.58 -29.19 -0.28
N LEU A 288 29.53 -28.87 0.50
CA LEU A 288 28.68 -27.70 0.22
C LEU A 288 28.24 -27.55 -1.23
N THR A 289 27.69 -28.62 -1.80
CA THR A 289 27.18 -28.59 -3.16
C THR A 289 26.33 -27.31 -3.34
N GLU A 290 25.19 -27.29 -2.66
CA GLU A 290 24.29 -26.18 -2.68
C GLU A 290 25.03 -24.91 -2.29
N ALA A 291 25.32 -24.67 -1.00
CA ALA A 291 26.04 -23.47 -0.58
C ALA A 291 26.96 -22.86 -1.66
N LYS A 292 27.91 -23.68 -2.15
CA LYS A 292 28.88 -23.25 -3.15
C LYS A 292 28.22 -22.84 -4.47
N ALA A 293 27.23 -23.60 -4.90
CA ALA A 293 26.52 -23.31 -6.13
C ALA A 293 26.00 -21.90 -6.05
N ALA A 294 25.26 -21.58 -4.98
CA ALA A 294 24.72 -20.23 -4.79
C ALA A 294 25.81 -19.18 -4.85
N LEU A 295 26.92 -19.43 -4.17
CA LEU A 295 28.06 -18.54 -4.16
C LEU A 295 28.64 -18.29 -5.56
N THR A 296 28.70 -19.37 -6.32
CA THR A 296 29.18 -19.28 -7.70
C THR A 296 28.27 -18.34 -8.44
N ALA A 297 26.98 -18.53 -8.25
CA ALA A 297 25.97 -17.67 -8.91
C ALA A 297 26.24 -16.18 -8.72
N ALA A 298 26.48 -15.83 -7.46
CA ALA A 298 26.78 -14.47 -7.07
C ALA A 298 28.16 -14.00 -7.46
N GLY A 299 29.00 -14.89 -8.00
CA GLY A 299 30.34 -14.52 -8.38
C GLY A 299 31.35 -14.50 -7.24
N VAL A 300 31.11 -15.32 -6.25
CA VAL A 300 31.99 -15.45 -5.10
C VAL A 300 33.16 -16.33 -5.52
N THR A 301 34.39 -15.81 -5.46
CA THR A 301 35.58 -16.58 -5.83
C THR A 301 36.10 -17.33 -4.61
N GLY A 302 36.02 -16.65 -3.48
CA GLY A 302 36.55 -17.20 -2.24
C GLY A 302 35.95 -18.53 -1.85
N THR A 303 36.82 -19.45 -1.43
CA THR A 303 36.39 -20.76 -0.99
C THR A 303 35.50 -20.57 0.27
N ALA A 304 34.54 -21.49 0.48
CA ALA A 304 33.65 -21.39 1.61
C ALA A 304 33.94 -22.39 2.71
N SER A 305 33.53 -22.01 3.91
CA SER A 305 33.67 -22.90 5.07
C SER A 305 32.52 -22.70 6.06
N VAL A 306 32.16 -23.77 6.79
CA VAL A 306 31.06 -23.72 7.75
C VAL A 306 31.61 -23.33 9.09
N VAL A 307 31.11 -22.22 9.63
CA VAL A 307 31.60 -21.76 10.93
C VAL A 307 30.44 -21.39 11.84
N LYS A 308 30.67 -21.56 13.14
CA LYS A 308 29.67 -21.19 14.13
C LYS A 308 30.06 -19.80 14.62
N MET A 309 29.09 -18.87 14.67
CA MET A 309 29.40 -17.51 15.09
C MET A 309 29.47 -17.26 16.60
N SER A 310 30.19 -16.22 16.98
CA SER A 310 30.39 -15.81 18.37
C SER A 310 30.66 -14.32 18.38
N TYR A 311 29.77 -13.59 19.05
CA TYR A 311 29.86 -12.15 19.17
C TYR A 311 30.26 -11.70 20.56
N THR A 312 31.26 -10.83 20.61
CA THR A 312 31.78 -10.28 21.88
C THR A 312 31.39 -8.81 22.05
N ASP A 313 31.07 -8.43 23.30
CA ASP A 313 30.69 -7.05 23.61
C ASP A 313 31.65 -6.35 24.55
N ASN A 314 31.61 -5.03 24.60
CA ASN A 314 32.44 -4.17 25.48
C ASN A 314 32.71 -4.66 26.91
N ASN A 315 31.94 -5.62 27.37
CA ASN A 315 32.12 -6.21 28.71
C ASN A 315 32.66 -7.66 28.69
N GLY A 316 33.32 -8.04 27.59
CA GLY A 316 33.88 -9.38 27.48
C GLY A 316 32.91 -10.52 27.39
N LYS A 317 31.60 -10.25 27.44
CA LYS A 317 30.60 -11.32 27.31
C LYS A 317 30.60 -11.76 25.87
N THR A 318 30.53 -13.08 25.68
CA THR A 318 30.57 -13.63 24.33
C THR A 318 29.31 -14.49 24.02
N ILE A 319 28.43 -14.01 23.13
CA ILE A 319 27.23 -14.75 22.80
C ILE A 319 27.34 -15.55 21.49
N ASP A 320 27.01 -16.83 21.58
CA ASP A 320 27.08 -17.75 20.45
C ASP A 320 25.93 -17.57 19.47
N GLY A 321 26.18 -17.90 18.19
CA GLY A 321 25.17 -17.76 17.19
C GLY A 321 24.94 -18.98 16.31
N GLY A 322 24.29 -18.78 15.18
CA GLY A 322 24.03 -19.90 14.28
C GLY A 322 25.22 -20.30 13.45
N LEU A 323 24.91 -20.89 12.30
CA LEU A 323 25.92 -21.34 11.32
C LEU A 323 26.14 -20.18 10.33
N ALA A 324 27.32 -20.15 9.75
CA ALA A 324 27.70 -19.09 8.82
C ALA A 324 28.72 -19.57 7.79
N VAL A 325 28.37 -19.37 6.54
CA VAL A 325 29.26 -19.77 5.46
C VAL A 325 30.31 -18.67 5.28
N LYS A 326 31.49 -18.92 5.83
CA LYS A 326 32.60 -17.98 5.79
C LYS A 326 33.29 -18.06 4.43
N VAL A 327 33.67 -16.92 3.90
CA VAL A 327 34.33 -16.85 2.61
C VAL A 327 35.39 -15.79 2.78
N GLY A 328 36.62 -16.20 3.00
CA GLY A 328 37.71 -15.27 3.19
C GLY A 328 37.48 -14.53 4.51
N ASP A 329 36.64 -13.50 4.43
CA ASP A 329 36.29 -12.70 5.60
C ASP A 329 34.79 -12.50 5.71
N ASP A 330 34.07 -12.72 4.62
CA ASP A 330 32.62 -12.53 4.63
C ASP A 330 31.88 -13.69 5.26
N TYR A 331 30.83 -13.36 6.00
CA TYR A 331 29.99 -14.36 6.65
C TYR A 331 28.56 -14.30 6.13
N TYR A 332 28.06 -15.44 5.69
CA TYR A 332 26.68 -15.55 5.22
C TYR A 332 25.85 -16.34 6.21
N SER A 333 24.61 -15.91 6.41
CA SER A 333 23.74 -16.61 7.38
C SER A 333 23.16 -17.86 6.73
N ALA A 334 23.66 -19.01 7.19
CA ALA A 334 23.16 -20.28 6.66
C ALA A 334 22.34 -21.00 7.69
N THR A 335 21.73 -22.12 7.32
CA THR A 335 20.93 -22.94 8.22
C THR A 335 21.14 -24.38 7.86
N GLN A 336 20.99 -25.28 8.82
CA GLN A 336 21.13 -26.71 8.53
C GLN A 336 19.71 -27.29 8.28
N ASN A 337 19.60 -28.13 7.26
CA ASN A 337 18.33 -28.76 6.92
C ASN A 337 18.20 -30.09 7.63
N LYS A 338 16.96 -30.56 7.62
CA LYS A 338 16.51 -31.83 8.22
C LYS A 338 17.53 -33.00 8.22
N ASP A 339 18.07 -33.28 7.05
CA ASP A 339 19.00 -34.37 6.89
C ASP A 339 20.48 -34.06 7.21
N GLY A 340 20.85 -32.80 7.20
CA GLY A 340 22.22 -32.41 7.47
C GLY A 340 22.79 -31.41 6.51
N SER A 341 22.13 -31.22 5.37
CA SER A 341 22.61 -30.26 4.37
C SER A 341 22.63 -28.85 4.95
N ILE A 342 23.41 -27.97 4.35
CA ILE A 342 23.52 -26.58 4.84
C ILE A 342 23.13 -25.63 3.72
N SER A 343 22.08 -24.86 3.97
CA SER A 343 21.60 -23.94 2.95
C SER A 343 21.65 -22.51 3.44
N ILE A 344 22.09 -21.59 2.58
CA ILE A 344 22.15 -20.17 2.93
C ILE A 344 20.74 -19.57 2.95
N ASN A 345 20.51 -18.63 3.85
CA ASN A 345 19.18 -18.00 3.96
C ASN A 345 19.03 -16.93 2.85
N THR A 346 17.82 -16.77 2.32
CA THR A 346 17.56 -15.82 1.23
C THR A 346 16.44 -14.84 1.53
N THR A 347 16.41 -13.70 0.84
CA THR A 347 15.37 -12.69 1.09
C THR A 347 14.04 -12.91 0.39
N LYS A 348 14.07 -13.22 -0.91
CA LYS A 348 12.86 -13.46 -1.72
C LYS A 348 12.00 -12.23 -1.92
N TYR A 349 12.62 -11.13 -2.33
CA TYR A 349 11.93 -9.88 -2.57
C TYR A 349 11.20 -9.91 -3.93
N THR A 350 10.73 -8.76 -4.39
CA THR A 350 10.01 -8.70 -5.66
C THR A 350 10.53 -7.61 -6.62
N ALA A 351 11.26 -8.01 -7.64
CA ALA A 351 11.78 -7.09 -8.68
C ALA A 351 12.73 -5.98 -8.18
N ASP A 352 13.62 -5.55 -9.07
CA ASP A 352 14.61 -4.51 -8.81
C ASP A 352 14.60 -3.55 -10.01
N ASP A 353 14.46 -4.14 -11.18
CA ASP A 353 14.40 -3.46 -12.46
C ASP A 353 13.64 -4.43 -13.37
N GLY A 354 12.52 -4.91 -12.88
CA GLY A 354 11.74 -5.89 -13.63
C GLY A 354 12.12 -7.29 -13.15
N THR A 355 11.30 -8.29 -13.46
CA THR A 355 11.51 -9.68 -13.07
C THR A 355 11.78 -9.95 -11.57
N SER A 356 11.47 -11.13 -11.07
CA SER A 356 11.69 -11.40 -9.64
C SER A 356 13.10 -11.93 -9.47
N LYS A 357 13.79 -11.50 -8.42
CA LYS A 357 15.13 -11.91 -8.17
C LYS A 357 15.28 -12.32 -6.71
N THR A 358 16.43 -12.91 -6.39
CA THR A 358 16.73 -13.34 -5.07
C THR A 358 18.22 -13.17 -4.80
N ALA A 359 18.55 -12.69 -3.61
CA ALA A 359 19.93 -12.52 -3.19
C ALA A 359 20.15 -13.31 -1.94
N LEU A 360 21.41 -13.49 -1.58
CA LEU A 360 21.79 -14.22 -0.38
C LEU A 360 21.78 -13.24 0.78
N ASN A 361 21.91 -13.78 2.00
CA ASN A 361 21.92 -12.89 3.18
C ASN A 361 23.22 -12.98 3.97
N LYS A 362 23.99 -11.90 3.98
CA LYS A 362 25.25 -11.80 4.73
C LYS A 362 24.99 -11.34 6.15
N LEU A 363 26.00 -11.41 6.99
CA LEU A 363 25.92 -10.97 8.37
C LEU A 363 26.71 -9.66 8.48
N GLY A 364 26.15 -8.69 9.21
CA GLY A 364 26.83 -7.41 9.33
C GLY A 364 25.95 -6.38 10.04
N GLY A 365 25.82 -5.24 9.40
CA GLY A 365 25.00 -4.17 9.92
C GLY A 365 25.69 -3.43 11.05
N ALA A 366 25.01 -2.44 11.64
CA ALA A 366 25.59 -1.64 12.72
C ALA A 366 26.01 -2.42 13.97
N ASP A 367 25.54 -3.66 14.09
CA ASP A 367 25.88 -4.49 15.22
C ASP A 367 26.83 -5.66 14.94
N GLY A 368 26.86 -6.16 13.71
CA GLY A 368 27.77 -7.25 13.39
C GLY A 368 27.09 -8.53 13.04
N LYS A 369 25.81 -8.65 13.38
CA LYS A 369 25.04 -9.86 13.06
C LYS A 369 23.76 -9.57 12.30
N THR A 370 23.58 -8.31 11.88
CA THR A 370 22.38 -7.94 11.13
C THR A 370 22.43 -8.60 9.77
N GLU A 371 21.32 -9.19 9.32
CA GLU A 371 21.35 -9.80 8.01
C GLU A 371 21.23 -8.73 6.96
N VAL A 372 22.31 -8.56 6.19
CA VAL A 372 22.36 -7.57 5.12
C VAL A 372 22.31 -8.35 3.82
N VAL A 373 21.72 -7.72 2.81
CA VAL A 373 21.57 -8.31 1.51
C VAL A 373 22.00 -7.29 0.49
N SER A 374 22.58 -7.75 -0.61
CA SER A 374 23.06 -6.87 -1.66
C SER A 374 22.10 -6.92 -2.83
N ILE A 375 21.39 -5.83 -3.05
CA ILE A 375 20.46 -5.75 -4.17
C ILE A 375 20.91 -4.64 -5.10
N GLY A 376 21.27 -5.00 -6.32
CA GLY A 376 21.75 -4.00 -7.27
C GLY A 376 23.10 -3.46 -6.86
N GLY A 377 23.09 -2.30 -6.23
CA GLY A 377 24.30 -1.68 -5.76
C GLY A 377 24.14 -1.12 -4.38
N LYS A 378 23.18 -1.66 -3.67
CA LYS A 378 22.88 -1.22 -2.31
C LYS A 378 22.76 -2.45 -1.40
N THR A 379 23.08 -2.22 -0.14
CA THR A 379 23.01 -3.30 0.82
C THR A 379 21.90 -2.99 1.79
N TYR A 380 20.81 -3.72 1.61
CA TYR A 380 19.59 -3.58 2.39
C TYR A 380 19.66 -4.56 3.55
N ALA A 381 18.58 -4.63 4.32
CA ALA A 381 18.51 -5.56 5.45
C ALA A 381 17.53 -6.65 5.02
N ALA A 382 17.64 -7.84 5.62
CA ALA A 382 16.77 -8.96 5.27
C ALA A 382 15.33 -8.48 5.29
N SER A 383 14.88 -8.06 6.46
CA SER A 383 13.53 -7.56 6.73
C SER A 383 13.00 -6.57 5.69
N LYS A 384 13.65 -5.42 5.56
CA LYS A 384 13.28 -4.40 4.63
C LYS A 384 13.20 -4.79 3.14
N ALA A 385 13.87 -5.88 2.75
CA ALA A 385 13.87 -6.33 1.35
C ALA A 385 12.80 -7.45 1.19
N GLU A 386 12.45 -8.09 2.31
CA GLU A 386 11.46 -9.17 2.30
C GLU A 386 10.21 -8.77 1.51
N GLY A 387 9.99 -9.46 0.40
CA GLY A 387 8.82 -9.20 -0.43
C GLY A 387 8.54 -7.73 -0.74
N HIS A 388 9.58 -6.91 -0.75
CA HIS A 388 9.41 -5.51 -1.05
C HIS A 388 9.55 -5.28 -2.54
N ASN A 389 8.46 -4.91 -3.21
CA ASN A 389 8.50 -4.67 -4.65
C ASN A 389 9.27 -3.40 -4.98
N PHE A 390 10.53 -3.55 -5.39
CA PHE A 390 11.37 -2.43 -5.75
C PHE A 390 10.91 -1.65 -6.96
N LYS A 391 10.07 -2.26 -7.78
CA LYS A 391 9.53 -1.60 -8.97
C LYS A 391 8.39 -0.61 -8.57
N ALA A 392 7.65 -0.94 -7.52
CA ALA A 392 6.53 -0.07 -7.12
C ALA A 392 7.05 0.95 -6.13
N GLN A 393 8.02 0.54 -5.33
CA GLN A 393 8.63 1.45 -4.33
C GLN A 393 10.13 1.34 -4.45
N PRO A 394 10.72 1.99 -5.47
CA PRO A 394 12.16 2.01 -5.74
C PRO A 394 13.04 2.58 -4.66
N ASP A 395 13.08 3.90 -4.56
CA ASP A 395 13.91 4.59 -3.61
C ASP A 395 13.73 4.05 -2.21
N LEU A 396 14.83 3.55 -1.67
CA LEU A 396 14.90 3.00 -0.35
C LEU A 396 16.29 3.39 0.17
N ALA A 397 16.52 3.23 1.46
CA ALA A 397 17.82 3.57 2.01
C ALA A 397 18.51 2.26 2.35
N GLU A 398 19.82 2.33 2.48
CA GLU A 398 20.63 1.16 2.82
C GLU A 398 20.61 0.97 4.32
N ALA A 399 21.19 -0.14 4.76
CA ALA A 399 21.26 -0.46 6.16
C ALA A 399 22.10 0.55 6.95
N ALA A 400 21.69 0.81 8.18
CA ALA A 400 22.39 1.76 9.07
C ALA A 400 23.78 1.13 9.35
N ALA A 401 24.82 1.95 9.28
CA ALA A 401 26.18 1.51 9.54
C ALA A 401 26.80 2.08 10.80
N THR A 402 26.89 3.41 10.86
CA THR A 402 27.50 4.08 12.02
C THR A 402 26.49 4.84 12.87
N THR A 403 26.93 5.31 14.05
CA THR A 403 26.11 6.05 14.98
C THR A 403 25.82 7.39 14.32
N THR A 404 24.59 7.85 14.50
CA THR A 404 24.14 9.11 13.98
C THR A 404 24.74 10.21 14.84
N GLU A 405 25.42 11.17 14.24
CA GLU A 405 26.01 12.27 15.01
C GLU A 405 24.93 13.30 15.24
N ASN A 406 24.96 13.88 16.44
CA ASN A 406 23.98 14.88 16.85
C ASN A 406 22.51 14.47 16.73
N PRO A 407 22.13 13.30 17.31
CA PRO A 407 20.75 12.79 17.23
C PRO A 407 19.69 13.85 17.54
N LEU A 408 19.70 14.38 18.74
CA LEU A 408 18.74 15.41 19.21
C LEU A 408 18.55 16.57 18.22
N GLN A 409 19.65 17.05 17.64
CA GLN A 409 19.58 18.14 16.69
C GLN A 409 18.71 17.71 15.52
N LYS A 410 19.11 16.67 14.81
CA LYS A 410 18.34 16.17 13.65
C LYS A 410 16.86 15.90 14.00
N ILE A 411 16.63 15.29 15.16
CA ILE A 411 15.29 14.96 15.67
C ILE A 411 14.38 16.19 15.69
N ASP A 412 14.87 17.26 16.31
CA ASP A 412 14.10 18.53 16.39
C ASP A 412 13.79 19.04 14.99
N ALA A 413 14.80 18.99 14.11
CA ALA A 413 14.65 19.47 12.75
C ALA A 413 13.43 18.82 12.11
N ALA A 414 13.34 17.49 12.21
CA ALA A 414 12.26 16.72 11.63
C ALA A 414 10.92 17.27 12.10
N LEU A 415 10.75 17.41 13.41
CA LEU A 415 9.53 17.94 13.99
C LEU A 415 9.20 19.34 13.53
N ALA A 416 10.23 20.18 13.38
CA ALA A 416 10.07 21.55 12.90
C ALA A 416 9.33 21.48 11.57
N GLN A 417 9.78 20.55 10.72
CA GLN A 417 9.16 20.30 9.41
C GLN A 417 7.69 19.94 9.55
N VAL A 418 7.35 19.07 10.47
CA VAL A 418 5.99 18.66 10.69
C VAL A 418 5.07 19.83 11.02
N ASP A 419 5.34 20.51 12.12
CA ASP A 419 4.53 21.62 12.55
C ASP A 419 4.39 22.76 11.56
N THR A 420 5.48 23.11 10.91
CA THR A 420 5.49 24.20 9.92
C THR A 420 4.44 23.88 8.84
N LEU A 421 4.33 22.61 8.47
CA LEU A 421 3.36 22.18 7.50
C LEU A 421 1.93 22.19 8.11
N ARG A 422 1.84 21.66 9.34
CA ARG A 422 0.58 21.57 10.09
C ARG A 422 -0.13 22.90 10.21
N SER A 423 0.62 23.94 10.57
CA SER A 423 0.09 25.27 10.74
C SER A 423 -0.74 25.68 9.56
N ASP A 424 -0.27 25.36 8.37
CA ASP A 424 -0.93 25.66 7.09
C ASP A 424 -2.30 25.02 7.06
N LEU A 425 -2.32 23.70 7.22
CA LEU A 425 -3.56 22.93 7.16
C LEU A 425 -4.55 23.55 8.10
N ALA A 426 -4.13 23.78 9.34
CA ALA A 426 -4.95 24.40 10.38
C ALA A 426 -5.45 25.78 9.90
N ALA A 427 -4.53 26.68 9.52
CA ALA A 427 -4.87 28.00 9.02
C ALA A 427 -6.06 27.96 8.05
N VAL A 428 -5.92 27.10 7.05
CA VAL A 428 -6.95 26.86 6.04
C VAL A 428 -8.33 26.57 6.68
N GLN A 429 -8.37 25.91 7.84
CA GLN A 429 -9.62 25.63 8.53
C GLN A 429 -10.36 26.93 8.84
N ASN A 430 -9.63 27.93 9.32
CA ASN A 430 -10.22 29.21 9.64
C ASN A 430 -10.53 30.05 8.40
N ARG A 431 -9.70 29.96 7.37
CA ARG A 431 -9.89 30.71 6.10
C ARG A 431 -11.16 30.16 5.49
N PHE A 432 -11.30 28.85 5.57
CA PHE A 432 -12.43 28.13 5.06
C PHE A 432 -13.70 28.60 5.78
N ASN A 433 -13.61 28.68 7.10
CA ASN A 433 -14.73 29.14 7.94
C ASN A 433 -15.11 30.58 7.58
N SER A 434 -14.10 31.39 7.33
CA SER A 434 -14.31 32.77 6.96
C SER A 434 -15.11 32.80 5.66
N ALA A 435 -14.66 32.00 4.69
CA ALA A 435 -15.35 31.91 3.41
C ALA A 435 -16.82 31.50 3.65
N ILE A 436 -17.02 30.60 4.61
CA ILE A 436 -18.35 30.11 4.96
C ILE A 436 -19.21 31.27 5.56
N THR A 437 -18.59 32.03 6.47
CA THR A 437 -19.23 33.17 7.13
C THR A 437 -19.44 34.30 6.12
N ASN A 438 -18.55 34.35 5.12
CA ASN A 438 -18.58 35.36 4.06
C ASN A 438 -19.79 35.03 3.20
N LEU A 439 -19.68 33.93 2.48
CA LEU A 439 -20.77 33.43 1.61
C LEU A 439 -22.03 33.30 2.39
N GLY A 440 -21.93 32.78 3.60
CA GLY A 440 -23.10 32.60 4.44
C GLY A 440 -23.78 33.94 4.64
N ASN A 441 -23.01 34.97 4.96
CA ASN A 441 -23.58 36.29 5.19
C ASN A 441 -24.34 36.74 3.95
N THR A 442 -23.69 36.60 2.79
CA THR A 442 -24.27 36.97 1.50
C THR A 442 -25.57 36.20 1.24
N VAL A 443 -25.57 34.90 1.50
CA VAL A 443 -26.73 34.02 1.30
C VAL A 443 -28.05 34.59 1.84
N ASN A 444 -28.04 35.00 3.12
CA ASN A 444 -29.21 35.62 3.77
C ASN A 444 -29.70 36.85 2.96
N ASN A 445 -28.77 37.76 2.62
CA ASN A 445 -29.15 38.95 1.86
C ASN A 445 -29.67 38.59 0.50
N LEU A 446 -28.98 37.65 -0.13
CA LEU A 446 -29.36 37.20 -1.47
C LEU A 446 -30.79 36.70 -1.57
N THR A 447 -31.10 35.75 -0.69
CA THR A 447 -32.43 35.15 -0.65
C THR A 447 -33.43 36.30 -0.57
N SER A 448 -33.14 37.22 0.35
CA SER A 448 -33.95 38.41 0.55
C SER A 448 -34.04 39.27 -0.70
N ALA A 449 -32.88 39.69 -1.21
CA ALA A 449 -32.72 40.52 -2.41
C ALA A 449 -33.67 40.09 -3.52
N ARG A 450 -33.51 38.84 -3.92
CA ARG A 450 -34.32 38.27 -4.98
C ARG A 450 -35.79 38.17 -4.57
N SER A 451 -36.08 37.99 -3.28
CA SER A 451 -37.42 37.88 -2.75
C SER A 451 -38.14 39.22 -2.90
N ARG A 452 -37.41 40.35 -2.79
CA ARG A 452 -37.96 41.69 -2.92
C ARG A 452 -38.28 42.01 -4.39
N ILE A 453 -37.57 41.30 -5.28
CA ILE A 453 -37.72 41.47 -6.73
C ILE A 453 -38.86 40.55 -7.25
N GLU A 454 -38.74 39.26 -6.94
CA GLU A 454 -39.72 38.27 -7.36
C GLU A 454 -41.00 38.65 -6.64
N ASP A 455 -42.10 38.64 -7.37
CA ASP A 455 -43.42 39.01 -6.83
C ASP A 455 -44.17 37.82 -6.27
N SER A 456 -44.66 37.94 -5.04
CA SER A 456 -45.40 36.89 -4.40
C SER A 456 -46.32 37.42 -3.34
N ASP A 457 -47.40 36.70 -3.08
CA ASP A 457 -48.40 37.10 -2.09
C ASP A 457 -48.27 36.37 -0.74
N TYR A 458 -47.87 37.12 0.29
CA TYR A 458 -47.76 36.60 1.65
C TYR A 458 -48.79 37.40 2.47
N ALA A 459 -48.42 38.63 2.85
CA ALA A 459 -49.28 39.49 3.63
C ALA A 459 -49.63 40.70 2.78
N THR A 460 -48.72 41.67 2.71
CA THR A 460 -48.91 42.90 1.96
C THR A 460 -49.39 42.70 0.51
N GLU A 461 -48.92 41.62 -0.12
CA GLU A 461 -49.29 41.34 -1.49
C GLU A 461 -50.63 40.59 -1.60
N VAL A 462 -50.75 39.47 -0.88
CA VAL A 462 -51.97 38.66 -0.91
C VAL A 462 -53.26 39.48 -0.79
N SER A 463 -53.28 40.41 0.16
CA SER A 463 -54.43 41.28 0.41
C SER A 463 -54.93 41.83 -0.92
N ASN A 464 -54.03 42.43 -1.68
CA ASN A 464 -54.35 43.00 -2.98
C ASN A 464 -55.06 42.02 -3.91
N MET A 465 -54.58 40.77 -3.94
CA MET A 465 -55.16 39.74 -4.79
C MET A 465 -56.48 39.15 -4.31
N SER A 466 -56.63 39.09 -2.98
CA SER A 466 -57.88 38.61 -2.41
C SER A 466 -58.99 39.59 -2.85
N ARG A 467 -58.84 40.84 -2.43
CA ARG A 467 -59.82 41.88 -2.79
C ARG A 467 -60.05 41.82 -4.31
N ALA A 468 -58.96 41.63 -5.05
CA ALA A 468 -59.03 41.57 -6.53
C ALA A 468 -59.96 40.43 -6.98
N GLN A 469 -59.85 39.25 -6.36
CA GLN A 469 -60.68 38.11 -6.73
C GLN A 469 -62.15 38.38 -6.57
N ILE A 470 -62.58 38.73 -5.36
CA ILE A 470 -64.00 39.02 -5.10
C ILE A 470 -64.41 40.21 -5.94
N LEU A 471 -63.60 41.28 -5.92
CA LEU A 471 -63.89 42.46 -6.70
C LEU A 471 -64.23 42.01 -8.11
N GLN A 472 -63.22 41.48 -8.80
CA GLN A 472 -63.37 41.00 -10.17
C GLN A 472 -64.51 40.01 -10.30
N GLN A 473 -64.66 39.16 -9.29
CA GLN A 473 -65.70 38.15 -9.27
C GLN A 473 -67.04 38.85 -9.43
N ALA A 474 -67.20 40.00 -8.78
CA ALA A 474 -68.44 40.76 -8.86
C ALA A 474 -68.45 41.40 -10.24
N GLY A 475 -67.27 41.68 -10.81
CA GLY A 475 -67.20 42.26 -12.14
C GLY A 475 -67.90 41.37 -13.15
N THR A 476 -67.44 40.14 -13.25
CA THR A 476 -68.07 39.17 -14.15
C THR A 476 -69.55 38.92 -13.78
N SER A 477 -69.81 38.66 -12.50
CA SER A 477 -71.13 38.43 -11.96
C SER A 477 -72.07 39.60 -12.33
N VAL A 478 -71.85 40.76 -11.71
CA VAL A 478 -72.62 41.96 -11.99
C VAL A 478 -72.73 42.24 -13.51
N LEU A 479 -71.62 42.16 -14.26
CA LEU A 479 -71.74 42.45 -15.69
C LEU A 479 -72.69 41.47 -16.35
N ALA A 480 -72.80 40.27 -15.81
CA ALA A 480 -73.73 39.29 -16.33
C ALA A 480 -75.13 39.89 -16.21
N GLN A 481 -75.51 40.40 -15.03
CA GLN A 481 -76.83 41.00 -14.90
C GLN A 481 -76.99 42.24 -15.80
N ALA A 482 -76.00 43.12 -15.78
CA ALA A 482 -76.02 44.34 -16.59
C ALA A 482 -76.13 43.98 -18.09
N ASN A 483 -75.66 42.80 -18.45
CA ASN A 483 -75.68 42.29 -19.82
C ASN A 483 -77.06 41.70 -20.20
N GLN A 484 -77.75 41.15 -19.21
CA GLN A 484 -79.06 40.54 -19.46
C GLN A 484 -80.05 41.64 -19.89
N VAL A 485 -80.06 42.76 -19.17
CA VAL A 485 -80.91 43.90 -19.49
C VAL A 485 -80.94 44.28 -20.97
N PRO A 486 -79.84 44.81 -21.52
CA PRO A 486 -79.81 45.22 -22.93
C PRO A 486 -80.34 44.17 -23.93
N GLN A 487 -79.88 42.94 -23.77
CA GLN A 487 -80.31 41.85 -24.64
C GLN A 487 -81.80 41.64 -24.60
N ASN A 488 -82.44 41.98 -23.48
CA ASN A 488 -83.89 41.84 -23.34
C ASN A 488 -84.62 43.06 -23.96
N VAL A 489 -84.15 44.26 -23.62
CA VAL A 489 -84.72 45.54 -24.09
C VAL A 489 -84.91 45.50 -25.61
N LEU A 490 -83.82 45.18 -26.34
CA LEU A 490 -83.84 45.14 -27.80
C LEU A 490 -85.11 44.59 -28.46
N SER A 491 -85.59 43.45 -27.96
CA SER A 491 -86.80 42.85 -28.53
C SER A 491 -88.12 43.39 -27.92
N LEU A 492 -88.12 44.64 -27.42
CA LEU A 492 -89.37 45.17 -26.85
C LEU A 492 -90.21 45.88 -27.91
N LEU A 493 -89.64 46.11 -29.09
CA LEU A 493 -90.33 46.77 -30.20
C LEU A 493 -91.67 46.11 -30.55
N ARG A 494 -92.77 46.72 -30.07
CA ARG A 494 -94.09 46.17 -30.34
C ARG A 494 -94.93 47.13 -31.18
#